data_2MP9
#
_entry.id   2MP9
#
_entity_poly.entity_id   1
_entity_poly.type   'polypeptide(L)'
_entity_poly.pdbx_seq_one_letter_code
;SRSELIVHQRLF(NH2)
;
_entity_poly.pdbx_strand_id   A
#
# COMPACT_ATOMS: atom_id res chain seq x y z
N SER A 1 8.53 -4.25 -3.40
CA SER A 1 8.70 -2.87 -3.94
C SER A 1 7.36 -2.15 -3.94
N ARG A 2 7.38 -0.87 -3.57
CA ARG A 2 6.16 -0.07 -3.53
C ARG A 2 5.07 -0.81 -2.76
N SER A 3 5.47 -1.88 -2.10
CA SER A 3 4.53 -2.67 -1.32
C SER A 3 3.96 -1.85 -0.17
N GLU A 4 4.59 -0.72 0.10
CA GLU A 4 4.14 0.16 1.17
C GLU A 4 2.95 0.99 0.70
N LEU A 5 2.88 1.21 -0.60
CA LEU A 5 1.79 1.99 -1.18
C LEU A 5 0.53 1.13 -1.26
N ILE A 6 0.68 -0.04 -1.85
CA ILE A 6 -0.42 -0.98 -1.99
C ILE A 6 -0.97 -1.34 -0.63
N VAL A 7 -0.12 -1.19 0.37
CA VAL A 7 -0.49 -1.49 1.73
C VAL A 7 -1.43 -0.44 2.26
N HIS A 8 -1.08 0.80 2.00
CA HIS A 8 -1.89 1.94 2.43
C HIS A 8 -3.14 2.06 1.57
N GLN A 9 -2.97 1.76 0.29
CA GLN A 9 -4.05 1.83 -0.65
C GLN A 9 -5.09 0.74 -0.38
N ARG A 10 -4.62 -0.41 0.09
CA ARG A 10 -5.51 -1.52 0.40
C ARG A 10 -6.25 -1.25 1.71
N LEU A 11 -5.55 -0.62 2.65
CA LEU A 11 -6.14 -0.31 3.94
C LEU A 11 -7.03 0.93 3.85
N PHE A 12 -6.51 1.96 3.18
CA PHE A 12 -7.26 3.20 3.02
C PHE A 12 -7.90 3.27 1.64
N SER A 1 9.18 -3.01 -2.37
CA SER A 1 8.72 -3.04 -3.78
C SER A 1 7.35 -2.36 -3.87
N ARG A 2 7.33 -1.06 -3.59
CA ARG A 2 6.08 -0.30 -3.64
C ARG A 2 5.00 -1.02 -2.84
N SER A 3 5.41 -2.03 -2.10
CA SER A 3 4.48 -2.80 -1.28
C SER A 3 3.94 -1.95 -0.14
N GLU A 4 4.58 -0.81 0.09
CA GLU A 4 4.15 0.09 1.15
C GLU A 4 3.00 0.97 0.67
N LEU A 5 2.98 1.24 -0.62
CA LEU A 5 1.92 2.06 -1.21
C LEU A 5 0.64 1.26 -1.31
N ILE A 6 0.75 0.08 -1.88
CA ILE A 6 -0.38 -0.81 -2.05
C ILE A 6 -0.97 -1.18 -0.71
N VAL A 7 -0.13 -1.09 0.30
CA VAL A 7 -0.52 -1.40 1.66
C VAL A 7 -1.42 -0.31 2.20
N HIS A 8 -1.01 0.91 1.97
CA HIS A 8 -1.77 2.07 2.43
C HIS A 8 -3.04 2.21 1.60
N GLN A 9 -2.98 1.68 0.39
CA GLN A 9 -4.09 1.72 -0.53
C GLN A 9 -5.10 0.61 -0.24
N ARG A 10 -4.60 -0.54 0.19
CA ARG A 10 -5.48 -1.67 0.50
C ARG A 10 -6.22 -1.43 1.81
N LEU A 11 -5.67 -0.57 2.65
CA LEU A 11 -6.27 -0.24 3.92
C LEU A 11 -7.43 0.75 3.73
N PHE A 12 -7.19 1.76 2.90
CA PHE A 12 -8.20 2.77 2.64
C PHE A 12 -9.04 2.38 1.43
N SER A 1 9.26 -3.45 -1.33
CA SER A 1 9.35 -2.37 -2.36
C SER A 1 7.98 -2.17 -2.99
N ARG A 2 7.66 -0.91 -3.28
CA ARG A 2 6.36 -0.56 -3.88
C ARG A 2 5.24 -1.35 -3.24
N SER A 3 5.52 -1.89 -2.07
CA SER A 3 4.54 -2.68 -1.33
C SER A 3 3.97 -1.87 -0.17
N GLU A 4 4.58 -0.72 0.10
CA GLU A 4 4.13 0.14 1.19
C GLU A 4 2.93 0.96 0.74
N LEU A 5 2.86 1.23 -0.56
CA LEU A 5 1.77 2.01 -1.12
C LEU A 5 0.53 1.14 -1.22
N ILE A 6 0.70 -0.03 -1.83
CA ILE A 6 -0.39 -0.96 -2.00
C ILE A 6 -0.96 -1.33 -0.64
N VAL A 7 -0.13 -1.19 0.36
CA VAL A 7 -0.51 -1.49 1.73
C VAL A 7 -1.47 -0.42 2.24
N HIS A 8 -1.11 0.81 1.96
CA HIS A 8 -1.92 1.95 2.38
C HIS A 8 -3.16 2.07 1.50
N GLN A 9 -2.98 1.75 0.23
CA GLN A 9 -4.06 1.81 -0.73
C GLN A 9 -5.10 0.73 -0.43
N ARG A 10 -4.65 -0.40 0.09
CA ARG A 10 -5.54 -1.50 0.41
C ARG A 10 -6.28 -1.23 1.71
N LEU A 11 -5.57 -0.70 2.69
CA LEU A 11 -6.15 -0.39 3.98
C LEU A 11 -6.79 1.00 3.97
N PHE A 12 -6.01 1.98 3.54
CA PHE A 12 -6.50 3.36 3.48
C PHE A 12 -7.07 3.66 2.09
N SER A 1 11.11 -0.48 -3.89
CA SER A 1 9.92 -0.99 -3.15
C SER A 1 8.66 -0.37 -3.71
N ARG A 2 7.51 -0.89 -3.29
CA ARG A 2 6.22 -0.38 -3.74
C ARG A 2 5.09 -1.11 -3.04
N SER A 3 5.46 -1.93 -2.06
CA SER A 3 4.48 -2.68 -1.29
C SER A 3 3.90 -1.84 -0.17
N GLU A 4 4.59 -0.74 0.13
CA GLU A 4 4.15 0.16 1.19
C GLU A 4 3.00 1.03 0.69
N LEU A 5 2.93 1.20 -0.62
CA LEU A 5 1.88 2.00 -1.23
C LEU A 5 0.60 1.18 -1.32
N ILE A 6 0.72 0.00 -1.90
CA ILE A 6 -0.40 -0.90 -2.05
C ILE A 6 -0.94 -1.30 -0.70
N VAL A 7 -0.09 -1.18 0.30
CA VAL A 7 -0.45 -1.52 1.66
C VAL A 7 -1.41 -0.48 2.21
N HIS A 8 -1.06 0.77 1.99
CA HIS A 8 -1.88 1.88 2.45
C HIS A 8 -3.14 1.99 1.60
N GLN A 9 -2.98 1.75 0.32
CA GLN A 9 -4.08 1.80 -0.62
C GLN A 9 -5.09 0.70 -0.32
N ARG A 10 -4.59 -0.43 0.18
CA ARG A 10 -5.46 -1.55 0.51
C ARG A 10 -6.21 -1.28 1.81
N LEU A 11 -5.60 -0.48 2.68
CA LEU A 11 -6.21 -0.16 3.95
C LEU A 11 -7.37 0.82 3.76
N PHE A 12 -7.19 1.73 2.81
CA PHE A 12 -8.22 2.72 2.52
C PHE A 12 -8.99 2.35 1.26
N SER A 1 10.77 -1.56 -4.08
CA SER A 1 9.93 -0.73 -3.17
C SER A 1 8.64 -0.34 -3.88
N ARG A 2 7.52 -0.81 -3.35
CA ARG A 2 6.22 -0.50 -3.94
C ARG A 2 5.12 -1.27 -3.23
N SER A 3 5.48 -1.93 -2.13
CA SER A 3 4.53 -2.71 -1.36
C SER A 3 3.97 -1.88 -0.20
N GLU A 4 4.61 -0.74 0.06
CA GLU A 4 4.17 0.14 1.13
C GLU A 4 2.99 0.98 0.69
N LEU A 5 2.91 1.24 -0.62
CA LEU A 5 1.82 2.02 -1.17
C LEU A 5 0.56 1.18 -1.25
N ILE A 6 0.71 0.00 -1.85
CA ILE A 6 -0.39 -0.92 -2.00
C ILE A 6 -0.94 -1.30 -0.63
N VAL A 7 -0.08 -1.17 0.35
CA VAL A 7 -0.44 -1.48 1.72
C VAL A 7 -1.40 -0.44 2.27
N HIS A 8 -1.06 0.80 2.00
CA HIS A 8 -1.88 1.92 2.45
C HIS A 8 -3.13 2.04 1.60
N GLN A 9 -2.98 1.73 0.32
CA GLN A 9 -4.08 1.79 -0.62
C GLN A 9 -5.08 0.68 -0.33
N ARG A 10 -4.59 -0.45 0.17
CA ARG A 10 -5.46 -1.57 0.49
C ARG A 10 -6.28 -1.28 1.73
N LEU A 11 -5.65 -0.58 2.68
CA LEU A 11 -6.32 -0.24 3.92
C LEU A 11 -7.23 0.97 3.71
N PHE A 12 -6.78 1.93 2.91
CA PHE A 12 -7.56 3.13 2.64
C PHE A 12 -7.66 3.36 1.13
N SER A 1 8.84 -4.01 -4.45
CA SER A 1 8.98 -2.69 -3.77
C SER A 1 7.66 -1.93 -3.87
N ARG A 2 7.67 -0.67 -3.43
CA ARG A 2 6.47 0.16 -3.48
C ARG A 2 5.30 -0.57 -2.83
N SER A 3 5.60 -1.70 -2.20
CA SER A 3 4.58 -2.49 -1.53
C SER A 3 3.97 -1.70 -0.38
N GLU A 4 4.69 -0.70 0.09
CA GLU A 4 4.21 0.13 1.18
C GLU A 4 3.02 0.98 0.73
N LEU A 5 2.92 1.17 -0.58
CA LEU A 5 1.84 1.96 -1.15
C LEU A 5 0.58 1.10 -1.24
N ILE A 6 0.74 -0.06 -1.86
CA ILE A 6 -0.36 -1.00 -2.02
C ILE A 6 -0.90 -1.40 -0.66
N VAL A 7 -0.05 -1.27 0.33
CA VAL A 7 -0.41 -1.60 1.69
C VAL A 7 -1.36 -0.56 2.25
N HIS A 8 -1.01 0.68 2.02
CA HIS A 8 -1.81 1.80 2.50
C HIS A 8 -3.07 1.94 1.66
N GLN A 9 -2.94 1.63 0.37
CA GLN A 9 -4.04 1.71 -0.55
C GLN A 9 -5.08 0.63 -0.25
N ARG A 10 -4.62 -0.50 0.27
CA ARG A 10 -5.52 -1.60 0.61
C ARG A 10 -6.39 -1.20 1.80
N LEU A 11 -5.82 -0.41 2.69
CA LEU A 11 -6.52 0.05 3.87
C LEU A 11 -7.48 1.18 3.52
N PHE A 12 -6.99 2.12 2.71
CA PHE A 12 -7.80 3.26 2.31
C PHE A 12 -8.65 2.90 1.08
N SER A 1 10.02 -2.01 -5.09
CA SER A 1 9.91 -1.04 -3.96
C SER A 1 8.64 -0.20 -4.16
N ARG A 2 7.55 -0.64 -3.55
CA ARG A 2 6.29 0.08 -3.65
C ARG A 2 5.18 -0.70 -2.95
N SER A 3 5.57 -1.73 -2.22
CA SER A 3 4.61 -2.56 -1.49
C SER A 3 4.02 -1.78 -0.33
N GLU A 4 4.70 -0.70 0.06
CA GLU A 4 4.23 0.13 1.15
C GLU A 4 3.06 0.99 0.70
N LEU A 5 2.96 1.19 -0.60
CA LEU A 5 1.89 1.98 -1.18
C LEU A 5 0.61 1.15 -1.27
N ILE A 6 0.76 -0.02 -1.87
CA ILE A 6 -0.34 -0.95 -2.04
C ILE A 6 -0.89 -1.36 -0.68
N VAL A 7 -0.04 -1.25 0.32
CA VAL A 7 -0.40 -1.60 1.67
C VAL A 7 -1.36 -0.58 2.24
N HIS A 8 -1.02 0.67 2.01
CA HIS A 8 -1.84 1.78 2.50
C HIS A 8 -3.12 1.89 1.67
N GLN A 9 -2.97 1.66 0.38
CA GLN A 9 -4.08 1.71 -0.55
C GLN A 9 -5.10 0.62 -0.23
N ARG A 10 -4.62 -0.49 0.32
CA ARG A 10 -5.50 -1.59 0.65
C ARG A 10 -6.37 -1.23 1.85
N LEU A 11 -5.85 -0.36 2.71
CA LEU A 11 -6.57 0.08 3.88
C LEU A 11 -7.61 1.14 3.51
N PHE A 12 -7.19 2.09 2.67
CA PHE A 12 -8.08 3.15 2.24
C PHE A 12 -8.71 2.80 0.89
N SER A 1 11.06 -0.55 -3.92
CA SER A 1 9.90 -0.95 -3.09
C SER A 1 8.62 -0.49 -3.75
N ARG A 2 7.48 -0.94 -3.22
CA ARG A 2 6.18 -0.57 -3.75
C ARG A 2 5.07 -1.31 -3.02
N SER A 3 5.45 -2.01 -1.97
CA SER A 3 4.48 -2.76 -1.17
C SER A 3 3.90 -1.90 -0.06
N GLU A 4 4.56 -0.77 0.19
CA GLU A 4 4.10 0.14 1.23
C GLU A 4 2.97 1.02 0.71
N LEU A 5 2.94 1.20 -0.60
CA LEU A 5 1.90 2.00 -1.24
C LEU A 5 0.61 1.20 -1.34
N ILE A 6 0.74 0.00 -1.88
CA ILE A 6 -0.38 -0.90 -2.04
C ILE A 6 -0.98 -1.25 -0.70
N VAL A 7 -0.16 -1.12 0.33
CA VAL A 7 -0.57 -1.42 1.68
C VAL A 7 -1.53 -0.36 2.19
N HIS A 8 -1.15 0.87 1.93
CA HIS A 8 -1.96 2.02 2.35
C HIS A 8 -3.21 2.11 1.47
N GLN A 9 -3.02 1.81 0.20
CA GLN A 9 -4.11 1.86 -0.77
C GLN A 9 -5.15 0.77 -0.47
N ARG A 10 -4.70 -0.35 0.06
CA ARG A 10 -5.59 -1.45 0.38
C ARG A 10 -6.27 -1.21 1.73
N LEU A 11 -5.48 -0.86 2.73
CA LEU A 11 -5.99 -0.60 4.06
C LEU A 11 -6.61 0.79 4.14
N PHE A 12 -5.89 1.77 3.60
CA PHE A 12 -6.37 3.15 3.61
C PHE A 12 -7.05 3.48 4.93
N SER A 1 10.07 -2.84 -4.35
CA SER A 1 9.91 -1.60 -3.55
C SER A 1 8.66 -0.86 -4.03
N ARG A 2 7.51 -1.24 -3.47
CA ARG A 2 6.25 -0.60 -3.84
C ARG A 2 5.10 -1.25 -3.09
N SER A 3 5.44 -2.12 -2.15
CA SER A 3 4.43 -2.82 -1.36
C SER A 3 3.94 -1.95 -0.21
N GLU A 4 4.63 -0.82 0.00
CA GLU A 4 4.26 0.09 1.08
C GLU A 4 3.09 0.97 0.65
N LEU A 5 3.01 1.25 -0.64
CA LEU A 5 1.93 2.07 -1.17
C LEU A 5 0.65 1.26 -1.24
N ILE A 6 0.76 0.09 -1.85
CA ILE A 6 -0.37 -0.80 -1.99
C ILE A 6 -0.90 -1.19 -0.63
N VAL A 7 -0.04 -1.06 0.36
CA VAL A 7 -0.37 -1.38 1.72
C VAL A 7 -1.36 -0.37 2.28
N HIS A 8 -1.07 0.88 1.99
CA HIS A 8 -1.91 1.98 2.45
C HIS A 8 -3.18 2.04 1.62
N GLN A 9 -3.04 1.75 0.34
CA GLN A 9 -4.15 1.76 -0.59
C GLN A 9 -5.12 0.62 -0.28
N ARG A 10 -4.59 -0.50 0.22
CA ARG A 10 -5.41 -1.64 0.55
C ARG A 10 -6.23 -1.38 1.81
N LEU A 11 -5.70 -0.52 2.67
CA LEU A 11 -6.38 -0.18 3.91
C LEU A 11 -7.57 0.72 3.62
N PHE A 12 -7.43 1.58 2.62
CA PHE A 12 -8.50 2.49 2.25
C PHE A 12 -9.49 1.81 1.31
N SER A 1 9.59 -1.92 -5.58
CA SER A 1 9.57 -0.95 -4.45
C SER A 1 8.28 -0.15 -4.49
N ARG A 2 7.28 -0.62 -3.77
CA ARG A 2 5.99 0.06 -3.72
C ARG A 2 4.99 -0.75 -2.91
N SER A 3 5.49 -1.78 -2.24
CA SER A 3 4.63 -2.63 -1.43
C SER A 3 4.08 -1.86 -0.25
N GLU A 4 4.65 -0.69 0.00
CA GLU A 4 4.21 0.16 1.11
C GLU A 4 3.01 0.99 0.67
N LEU A 5 2.93 1.25 -0.63
CA LEU A 5 1.83 2.03 -1.18
C LEU A 5 0.58 1.17 -1.27
N ILE A 6 0.74 0.01 -1.88
CA ILE A 6 -0.35 -0.94 -2.05
C ILE A 6 -0.88 -1.35 -0.70
N VAL A 7 -0.03 -1.23 0.30
CA VAL A 7 -0.38 -1.58 1.66
C VAL A 7 -1.30 -0.53 2.26
N HIS A 8 -0.93 0.71 2.03
CA HIS A 8 -1.72 1.83 2.53
C HIS A 8 -2.99 2.00 1.70
N GLN A 9 -2.91 1.59 0.45
CA GLN A 9 -4.02 1.68 -0.47
C GLN A 9 -5.07 0.61 -0.17
N ARG A 10 -4.62 -0.54 0.32
CA ARG A 10 -5.53 -1.64 0.63
C ARG A 10 -6.40 -1.28 1.84
N LEU A 11 -5.90 -0.34 2.65
CA LEU A 11 -6.63 0.09 3.83
C LEU A 11 -7.75 1.06 3.44
N PHE A 12 -7.45 1.96 2.52
CA PHE A 12 -8.42 2.94 2.07
C PHE A 12 -9.35 2.32 1.03
#